data_3RKV
#
_entry.id   3RKV
#
_cell.length_a   42.025
_cell.length_b   84.674
_cell.length_c   110.731
_cell.angle_alpha   90.000
_cell.angle_beta   90.000
_cell.angle_gamma   90.000
#
_symmetry.space_group_name_H-M   'I 2 2 2'
#
loop_
_entity.id
_entity.type
_entity.pdbx_description
1 polymer 'putative peptidylprolyl isomerase'
2 water water
#
_entity_poly.entity_id   1
_entity_poly.type   'polypeptide(L)'
_entity_poly.pdbx_seq_one_letter_code
;SNAEDDKLKSVEALRQKGNELFVQKDYKEAIDAYRDALTRLDTLILREKPGEPEWVELDRKNIPLYANMSQCYLNIGDLH
EAEETSSEVLKREETNEKALFRRAKARIAAWKLDEAEEDLKLLLRNHPAAASVVAREMKIVTERRAEKKADSRVTYSKMF
QP
;
_entity_poly.pdbx_strand_id   A
#
# COMPACT_ATOMS: atom_id res chain seq x y z
N LEU A 8 14.50 -5.41 -18.37
CA LEU A 8 14.32 -4.03 -17.79
C LEU A 8 13.19 -3.23 -18.47
N LYS A 9 12.98 -3.46 -19.76
CA LYS A 9 11.80 -2.98 -20.49
C LYS A 9 10.74 -4.11 -20.61
N SER A 10 11.12 -5.33 -20.27
CA SER A 10 10.17 -6.40 -20.04
C SER A 10 9.34 -6.10 -18.80
N VAL A 11 9.93 -5.35 -17.87
CA VAL A 11 9.29 -5.04 -16.60
C VAL A 11 8.39 -3.82 -16.75
N GLU A 12 8.89 -2.81 -17.44
CA GLU A 12 8.08 -1.67 -17.72
C GLU A 12 6.81 -2.19 -18.43
N ALA A 13 6.96 -3.11 -19.38
CA ALA A 13 5.84 -3.56 -20.18
C ALA A 13 4.77 -4.20 -19.31
N LEU A 14 5.20 -5.00 -18.36
CA LEU A 14 4.25 -5.66 -17.50
C LEU A 14 3.62 -4.69 -16.48
N ARG A 15 4.38 -3.69 -16.05
CA ARG A 15 3.80 -2.65 -15.21
C ARG A 15 2.64 -2.04 -15.99
N GLN A 16 2.93 -1.68 -17.22
CA GLN A 16 1.95 -1.12 -18.10
C GLN A 16 0.74 -2.00 -18.36
N LYS A 17 0.95 -3.32 -18.45
CA LYS A 17 -0.14 -4.26 -18.60
C LYS A 17 -0.98 -4.27 -17.31
N GLY A 18 -0.36 -4.48 -16.16
CA GLY A 18 -1.07 -4.31 -14.86
C GLY A 18 -1.91 -3.03 -14.78
N ASN A 19 -1.32 -1.91 -15.21
CA ASN A 19 -2.02 -0.64 -15.20
C ASN A 19 -3.19 -0.63 -16.11
N GLU A 20 -3.09 -1.34 -17.23
CA GLU A 20 -4.25 -1.49 -18.13
C GLU A 20 -5.38 -2.26 -17.47
N LEU A 21 -5.02 -3.33 -16.76
CA LEU A 21 -6.02 -4.20 -16.15
C LEU A 21 -6.70 -3.44 -15.02
N PHE A 22 -5.90 -2.66 -14.31
CA PHE A 22 -6.44 -1.87 -13.22
C PHE A 22 -7.56 -0.91 -13.62
N VAL A 23 -7.33 -0.10 -14.62
CA VAL A 23 -8.32 0.83 -15.09
C VAL A 23 -9.59 0.14 -15.65
N GLN A 24 -9.51 -1.16 -15.92
CA GLN A 24 -10.73 -1.89 -16.29
C GLN A 24 -11.34 -2.67 -15.15
N LYS A 25 -11.02 -2.31 -13.92
CA LYS A 25 -11.51 -3.04 -12.71
C LYS A 25 -11.25 -4.56 -12.72
N ASP A 26 -10.27 -5.02 -13.49
CA ASP A 26 -9.94 -6.43 -13.56
C ASP A 26 -8.70 -6.71 -12.72
N TYR A 27 -8.90 -6.68 -11.39
CA TYR A 27 -7.81 -6.50 -10.40
C TYR A 27 -6.98 -7.74 -10.14
N LYS A 28 -7.58 -8.92 -10.22
CA LYS A 28 -6.87 -10.20 -10.02
C LYS A 28 -5.64 -10.30 -10.93
N GLU A 29 -5.90 -10.06 -12.21
CA GLU A 29 -4.89 -10.15 -13.26
C GLU A 29 -3.94 -8.99 -13.18
N ALA A 30 -4.41 -7.82 -12.74
CA ALA A 30 -3.49 -6.70 -12.53
C ALA A 30 -2.38 -7.14 -11.60
N ILE A 31 -2.78 -7.82 -10.52
CA ILE A 31 -1.85 -8.34 -9.52
C ILE A 31 -0.88 -9.34 -10.12
N ASP A 32 -1.41 -10.32 -10.83
CA ASP A 32 -0.53 -11.30 -11.45
C ASP A 32 0.45 -10.65 -12.45
N ALA A 33 0.02 -9.59 -13.14
CA ALA A 33 0.93 -8.83 -13.99
C ALA A 33 1.96 -8.09 -13.15
N TYR A 34 1.51 -7.46 -12.06
CA TYR A 34 2.45 -6.69 -11.27
C TYR A 34 3.39 -7.62 -10.54
N ARG A 35 2.86 -8.78 -10.13
CA ARG A 35 3.61 -9.78 -9.35
C ARG A 35 4.72 -10.41 -10.20
N ASP A 36 4.46 -10.45 -11.50
CA ASP A 36 5.40 -10.92 -12.47
C ASP A 36 6.45 -9.86 -12.82
N ALA A 37 6.06 -8.60 -12.92
CA ALA A 37 7.06 -7.49 -13.04
C ALA A 37 8.04 -7.48 -11.85
N LEU A 38 7.49 -7.64 -10.66
CA LEU A 38 8.23 -7.85 -9.39
C LEU A 38 9.27 -9.00 -9.46
N THR A 39 8.85 -10.14 -10.01
CA THR A 39 9.70 -11.32 -10.10
C THR A 39 10.93 -11.03 -11.00
N ARG A 40 10.68 -10.49 -12.20
CA ARG A 40 11.78 -10.15 -13.10
C ARG A 40 12.69 -9.13 -12.52
N LEU A 41 12.10 -8.10 -11.93
CA LEU A 41 12.85 -6.98 -11.41
C LEU A 41 13.78 -7.44 -10.28
N ASP A 42 13.36 -8.49 -9.57
CA ASP A 42 14.15 -9.10 -8.52
C ASP A 42 15.43 -9.70 -9.06
N THR A 43 15.29 -10.59 -10.05
CA THR A 43 16.41 -11.22 -10.68
C THR A 43 17.40 -10.14 -11.10
N LEU A 44 16.93 -9.00 -11.59
CA LEU A 44 17.84 -7.93 -12.02
C LEU A 44 18.56 -7.29 -10.83
N ILE A 45 17.90 -7.25 -9.67
CA ILE A 45 18.47 -6.69 -8.43
C ILE A 45 19.53 -7.67 -7.84
N LEU A 46 19.21 -8.96 -7.83
CA LEU A 46 20.14 -10.01 -7.32
C LEU A 46 21.51 -9.99 -8.00
N ARG A 47 21.55 -9.53 -9.25
CA ARG A 47 22.81 -9.36 -10.00
C ARG A 47 23.71 -8.17 -9.55
N GLU A 48 23.09 -7.11 -9.03
CA GLU A 48 23.84 -5.90 -8.67
C GLU A 48 24.51 -6.07 -7.32
N LYS A 49 25.59 -5.31 -7.10
CA LYS A 49 26.24 -5.33 -5.79
C LYS A 49 25.30 -4.65 -4.80
N PRO A 50 25.04 -5.31 -3.65
CA PRO A 50 23.95 -4.90 -2.79
C PRO A 50 24.17 -3.57 -2.07
N GLY A 51 23.19 -2.68 -2.17
CA GLY A 51 23.28 -1.38 -1.53
C GLY A 51 23.93 -0.30 -2.36
N GLU A 52 24.69 -0.67 -3.40
CA GLU A 52 25.41 0.33 -4.21
C GLU A 52 24.37 1.22 -4.91
N PRO A 53 24.79 2.38 -5.47
CA PRO A 53 23.77 3.28 -6.06
C PRO A 53 22.95 2.60 -7.14
N GLU A 54 23.58 1.74 -7.92
CA GLU A 54 22.87 0.97 -8.98
C GLU A 54 21.79 0.03 -8.38
N TRP A 55 22.01 -0.43 -7.15
CA TRP A 55 21.07 -1.28 -6.48
C TRP A 55 19.81 -0.48 -6.15
N VAL A 56 20.02 0.67 -5.55
CA VAL A 56 18.93 1.54 -5.08
C VAL A 56 17.99 1.90 -6.21
N GLU A 57 18.58 2.27 -7.34
CA GLU A 57 17.76 2.80 -8.43
C GLU A 57 16.98 1.66 -9.06
N LEU A 58 17.55 0.47 -9.14
CA LEU A 58 16.74 -0.69 -9.56
C LEU A 58 15.65 -0.99 -8.51
N ASP A 59 15.97 -0.81 -7.22
CA ASP A 59 15.04 -1.15 -6.14
C ASP A 59 13.87 -0.15 -6.03
N ARG A 60 14.13 1.12 -6.33
CA ARG A 60 13.05 2.12 -6.35
C ARG A 60 11.91 1.75 -7.26
N LYS A 61 12.21 0.93 -8.25
CA LYS A 61 11.21 0.51 -9.19
C LYS A 61 10.18 -0.43 -8.58
N ASN A 62 10.45 -0.95 -7.40
CA ASN A 62 9.46 -1.78 -6.75
C ASN A 62 8.29 -0.94 -6.28
N ILE A 63 8.52 0.34 -6.01
CA ILE A 63 7.55 1.18 -5.29
C ILE A 63 6.24 1.36 -6.05
N PRO A 64 6.33 1.72 -7.32
CA PRO A 64 5.07 1.80 -8.05
C PRO A 64 4.38 0.47 -8.12
N LEU A 65 5.14 -0.62 -8.16
CA LEU A 65 4.57 -1.93 -8.30
C LEU A 65 3.87 -2.39 -7.04
N TYR A 66 4.51 -2.23 -5.92
CA TYR A 66 3.79 -2.57 -4.67
C TYR A 66 2.61 -1.58 -4.38
N ALA A 67 2.76 -0.32 -4.78
CA ALA A 67 1.70 0.67 -4.52
C ALA A 67 0.43 0.23 -5.28
N ASN A 68 0.58 0.03 -6.58
CA ASN A 68 -0.54 -0.37 -7.47
C ASN A 68 -1.24 -1.63 -7.00
N MET A 69 -0.42 -2.59 -6.65
CA MET A 69 -0.86 -3.88 -6.16
C MET A 69 -1.59 -3.82 -4.83
N SER A 70 -1.15 -2.93 -3.94
CA SER A 70 -1.80 -2.85 -2.63
C SER A 70 -3.22 -2.40 -2.82
N GLN A 71 -3.44 -1.48 -3.72
CA GLN A 71 -4.80 -1.06 -3.98
C GLN A 71 -5.67 -2.18 -4.54
N CYS A 72 -5.06 -3.02 -5.41
CA CYS A 72 -5.74 -4.16 -6.04
C CYS A 72 -6.16 -5.04 -4.92
N TYR A 73 -5.23 -5.31 -4.01
CA TYR A 73 -5.55 -6.17 -2.87
C TYR A 73 -6.66 -5.60 -2.03
N LEU A 74 -6.56 -4.31 -1.74
CA LEU A 74 -7.63 -3.60 -1.04
C LEU A 74 -8.93 -3.88 -1.76
N ASN A 75 -8.95 -3.60 -3.06
CA ASN A 75 -10.15 -3.67 -3.90
C ASN A 75 -10.88 -5.01 -3.90
N ILE A 76 -10.19 -6.05 -3.45
CA ILE A 76 -10.58 -7.46 -3.53
C ILE A 76 -10.93 -8.10 -2.17
N GLY A 77 -10.39 -7.51 -1.11
CA GLY A 77 -10.63 -8.00 0.24
C GLY A 77 -9.43 -8.65 0.88
N ASP A 78 -8.25 -8.47 0.27
CA ASP A 78 -7.04 -9.05 0.85
C ASP A 78 -6.28 -7.99 1.65
N LEU A 79 -6.62 -7.98 2.94
CA LEU A 79 -6.28 -6.91 3.84
C LEU A 79 -4.88 -7.12 4.26
N HIS A 80 -4.53 -8.37 4.47
CA HIS A 80 -3.19 -8.68 4.91
C HIS A 80 -2.25 -8.22 3.82
N GLU A 81 -2.50 -8.64 2.59
CA GLU A 81 -1.58 -8.28 1.50
C GLU A 81 -1.60 -6.78 1.16
N ALA A 82 -2.78 -6.19 1.15
CA ALA A 82 -2.90 -4.79 0.94
C ALA A 82 -1.96 -4.10 1.93
N GLU A 83 -2.09 -4.40 3.23
CA GLU A 83 -1.21 -3.85 4.23
C GLU A 83 0.24 -4.17 4.00
N GLU A 84 0.52 -5.40 3.64
CA GLU A 84 1.92 -5.83 3.45
C GLU A 84 2.61 -5.10 2.32
N THR A 85 1.91 -4.98 1.19
CA THR A 85 2.48 -4.31 0.02
C THR A 85 2.58 -2.81 0.27
N SER A 86 1.56 -2.20 0.85
CA SER A 86 1.73 -0.85 1.35
C SER A 86 2.87 -0.73 2.31
N SER A 87 3.07 -1.68 3.19
CA SER A 87 4.27 -1.53 4.03
C SER A 87 5.60 -1.49 3.30
N GLU A 88 5.65 -2.13 2.15
CA GLU A 88 6.85 -2.14 1.31
C GLU A 88 7.13 -0.76 0.74
N VAL A 89 6.10 -0.02 0.34
CA VAL A 89 6.33 1.36 -0.06
C VAL A 89 6.94 2.10 1.12
N LEU A 90 6.35 1.84 2.29
CA LEU A 90 6.64 2.65 3.46
C LEU A 90 8.07 2.37 3.94
N LYS A 91 8.56 1.16 3.64
CA LYS A 91 9.96 0.79 3.90
C LYS A 91 10.86 1.77 3.20
N ARG A 92 10.46 2.17 1.99
CA ARG A 92 11.31 2.99 1.12
C ARG A 92 11.01 4.49 1.16
N GLU A 93 9.72 4.84 1.33
CA GLU A 93 9.25 6.24 1.43
C GLU A 93 8.35 6.35 2.68
N GLU A 94 8.93 6.69 3.82
CA GLU A 94 8.28 6.57 5.15
C GLU A 94 6.99 7.36 5.35
N THR A 95 6.93 8.52 4.70
CA THR A 95 5.76 9.38 4.76
C THR A 95 5.01 9.42 3.44
N ASN A 96 5.11 8.37 2.62
CA ASN A 96 4.31 8.32 1.36
C ASN A 96 2.78 8.43 1.59
N GLU A 97 2.20 9.48 1.05
CA GLU A 97 0.81 9.85 1.32
C GLU A 97 -0.12 8.70 1.01
N LYS A 98 0.03 8.13 -0.18
CA LYS A 98 -0.94 7.18 -0.68
C LYS A 98 -0.80 5.86 0.01
N ALA A 99 0.42 5.50 0.36
CA ALA A 99 0.73 4.26 1.01
C ALA A 99 0.20 4.30 2.44
N LEU A 100 0.42 5.41 3.12
CA LEU A 100 -0.12 5.56 4.46
C LEU A 100 -1.65 5.48 4.43
N PHE A 101 -2.26 6.12 3.46
CA PHE A 101 -3.69 6.13 3.44
C PHE A 101 -4.18 4.74 3.25
N ARG A 102 -3.60 4.06 2.28
CA ARG A 102 -4.10 2.73 1.92
C ARG A 102 -3.91 1.78 3.03
N ARG A 103 -2.75 1.81 3.67
CA ARG A 103 -2.51 0.97 4.86
C ARG A 103 -3.47 1.26 6.00
N ALA A 104 -3.75 2.54 6.23
CA ALA A 104 -4.79 2.84 7.16
C ALA A 104 -6.10 2.11 6.74
N LYS A 105 -6.42 2.09 5.46
CA LYS A 105 -7.76 1.65 5.10
C LYS A 105 -7.81 0.19 5.33
N ALA A 106 -6.67 -0.46 5.08
CA ALA A 106 -6.54 -1.89 5.26
C ALA A 106 -6.75 -2.24 6.72
N ARG A 107 -5.99 -1.55 7.57
CA ARG A 107 -5.95 -1.79 8.98
C ARG A 107 -7.32 -1.62 9.61
N ILE A 108 -7.99 -0.55 9.18
CA ILE A 108 -9.32 -0.22 9.67
C ILE A 108 -10.25 -1.37 9.40
N ALA A 109 -10.24 -1.84 8.15
CA ALA A 109 -11.12 -2.89 7.73
C ALA A 109 -10.75 -4.18 8.48
N ALA A 110 -9.49 -4.22 8.94
CA ALA A 110 -8.95 -5.40 9.61
C ALA A 110 -9.20 -5.35 11.13
N TRP A 111 -9.79 -4.27 11.62
CA TRP A 111 -9.92 -3.98 13.06
C TRP A 111 -8.58 -3.76 13.79
N LYS A 112 -7.58 -3.25 13.07
CA LYS A 112 -6.30 -2.92 13.69
C LYS A 112 -6.27 -1.43 13.96
N LEU A 113 -6.97 -1.03 15.00
CA LEU A 113 -7.46 0.34 15.10
C LEU A 113 -6.45 1.28 15.73
N ASP A 114 -5.77 0.83 16.76
CA ASP A 114 -4.62 1.61 17.22
C ASP A 114 -3.71 1.97 16.05
N GLU A 115 -3.52 1.01 15.15
CA GLU A 115 -2.51 1.14 14.11
C GLU A 115 -2.96 1.88 12.91
N ALA A 116 -4.24 1.75 12.58
CA ALA A 116 -4.83 2.59 11.57
C ALA A 116 -4.74 4.06 12.04
N GLU A 117 -4.90 4.31 13.34
CA GLU A 117 -4.78 5.65 13.88
C GLU A 117 -3.35 6.23 13.77
N GLU A 118 -2.33 5.45 14.12
CA GLU A 118 -0.92 5.83 13.90
C GLU A 118 -0.67 6.37 12.47
N ASP A 119 -1.04 5.55 11.49
CA ASP A 119 -0.93 5.91 10.05
C ASP A 119 -1.62 7.18 9.70
N LEU A 120 -2.91 7.32 10.01
CA LEU A 120 -3.63 8.58 9.77
C LEU A 120 -3.05 9.79 10.48
N LYS A 121 -2.51 9.61 11.67
CA LYS A 121 -1.81 10.71 12.36
C LYS A 121 -0.53 11.08 11.59
N LEU A 122 0.19 10.05 11.17
CA LEU A 122 1.42 10.26 10.44
C LEU A 122 1.09 10.90 9.09
N LEU A 123 0.02 10.45 8.45
CA LEU A 123 -0.45 11.03 7.21
C LEU A 123 -0.62 12.52 7.39
N LEU A 124 -1.42 12.88 8.39
CA LEU A 124 -1.84 14.26 8.60
C LEU A 124 -0.64 15.13 8.94
N ARG A 125 0.24 14.63 9.80
CA ARG A 125 1.49 15.31 10.20
CA ARG A 125 1.44 15.40 10.19
C ARG A 125 2.35 15.74 9.00
N ASN A 126 2.37 14.92 7.96
CA ASN A 126 3.27 15.17 6.81
C ASN A 126 2.51 15.68 5.60
N HIS A 127 1.19 15.52 5.60
CA HIS A 127 0.38 15.95 4.50
C HIS A 127 -0.86 16.69 5.01
N PRO A 128 -0.67 17.95 5.43
CA PRO A 128 -1.74 18.74 6.02
C PRO A 128 -3.02 18.87 5.17
N ALA A 129 -2.98 18.61 3.86
CA ALA A 129 -4.15 18.76 2.98
C ALA A 129 -4.94 17.48 2.88
N ALA A 130 -4.41 16.39 3.38
CA ALA A 130 -5.18 15.20 3.68
C ALA A 130 -6.24 15.43 4.80
N ALA A 131 -6.33 16.63 5.37
CA ALA A 131 -7.23 16.89 6.54
C ALA A 131 -8.59 16.19 6.46
N SER A 132 -9.38 16.46 5.45
CA SER A 132 -10.76 16.03 5.49
C SER A 132 -10.88 14.53 5.27
N VAL A 133 -10.07 13.99 4.39
CA VAL A 133 -9.97 12.56 4.25
C VAL A 133 -9.56 11.91 5.58
N VAL A 134 -8.64 12.53 6.29
CA VAL A 134 -8.27 11.97 7.60
C VAL A 134 -9.41 12.07 8.62
N ALA A 135 -10.07 13.21 8.68
CA ALA A 135 -11.22 13.40 9.55
C ALA A 135 -12.27 12.29 9.35
N ARG A 136 -12.52 11.98 8.10
CA ARG A 136 -13.52 11.02 7.72
C ARG A 136 -13.18 9.60 8.20
N GLU A 137 -11.92 9.19 8.09
CA GLU A 137 -11.55 7.84 8.51
C GLU A 137 -11.33 7.76 10.03
N MET A 138 -10.78 8.80 10.63
CA MET A 138 -10.71 8.81 12.09
C MET A 138 -12.12 8.70 12.67
N LYS A 139 -13.12 9.14 11.93
CA LYS A 139 -14.47 9.05 12.39
C LYS A 139 -14.91 7.59 12.44
N ILE A 140 -14.47 6.82 11.45
CA ILE A 140 -14.85 5.44 11.32
C ILE A 140 -14.15 4.68 12.45
N VAL A 141 -12.88 4.98 12.62
CA VAL A 141 -12.10 4.36 13.69
C VAL A 141 -12.78 4.59 15.03
N THR A 142 -12.99 5.86 15.33
CA THR A 142 -13.34 6.32 16.66
C THR A 142 -14.72 5.78 17.06
N GLU A 143 -15.59 5.48 16.09
CA GLU A 143 -16.89 4.93 16.43
C GLU A 143 -16.81 3.42 16.46
N ARG A 144 -16.11 2.83 15.52
CA ARG A 144 -15.81 1.41 15.61
C ARG A 144 -15.20 0.97 16.97
N ARG A 145 -14.33 1.79 17.55
CA ARG A 145 -13.88 1.56 18.95
C ARG A 145 -15.00 1.63 20.00
N ALA A 146 -16.08 2.33 19.69
CA ALA A 146 -17.26 2.41 20.53
C ALA A 146 -18.09 1.11 20.43
N GLU A 147 -18.26 0.61 19.20
CA GLU A 147 -18.96 -0.66 18.95
C GLU A 147 -18.25 -1.79 19.65
N LYS A 148 -16.98 -1.99 19.30
CA LYS A 148 -16.18 -3.10 19.85
C LYS A 148 -16.18 -3.07 21.37
N LYS A 149 -16.07 -1.88 21.97
CA LYS A 149 -16.00 -1.76 23.45
C LYS A 149 -17.28 -1.27 24.15
N ALA A 150 -18.42 -1.46 23.49
CA ALA A 150 -19.68 -1.65 24.18
C ALA A 150 -20.17 -3.08 23.89
N ASP A 151 -19.61 -3.71 22.84
CA ASP A 151 -19.90 -5.11 22.50
C ASP A 151 -19.32 -6.07 23.56
N SER A 152 -18.31 -5.59 24.31
CA SER A 152 -17.63 -6.41 25.33
C SER A 152 -17.99 -6.06 26.78
N ARG A 153 -18.70 -4.96 26.99
CA ARG A 153 -19.29 -4.65 28.30
C ARG A 153 -20.73 -5.13 28.36
N VAL A 154 -21.15 -5.99 27.42
CA VAL A 154 -22.56 -6.38 27.27
C VAL A 154 -23.16 -7.05 28.54
#